data_6BDE
#
_entry.id   6BDE
#
_cell.length_a   48.794
_cell.length_b   56.730
_cell.length_c   68.753
_cell.angle_alpha   90.000
_cell.angle_beta   90.000
_cell.angle_gamma   90.000
#
_symmetry.space_group_name_H-M   'P 21 21 21'
#
loop_
_entity.id
_entity.type
_entity.pdbx_description
1 polymer '2,4-dihydroxyhept-2-ene-1,7-dioic acid aldolase'
2 non-polymer 'PROTOPORPHYRIN IX CONTAINING FE'
3 water water
#
_entity_poly.entity_id   1
_entity_poly.type   'polypeptide(L)'
_entity_poly.pdbx_seq_one_letter_code
;MKGIIFTEFLDLVEDKFGLEMVDKIITQSELESEGVYTSIGTYRFSEMLQLLQNLSANTDVSIDDLLLTYGEHFFSVIED
SYPGLLATYKDPIEMLASIENHIHVEVRKIYPDAELPTFVVEEKTANSLTMIYKSSRAMHHFGLGLMNKTFEHFNSSAEI
ILEKIKEDGTEVKFIINKNENLYFQ
;
_entity_poly.pdbx_strand_id   A
#
loop_
_chem_comp.id
_chem_comp.type
_chem_comp.name
_chem_comp.formula
HEM non-polymer 'PROTOPORPHYRIN IX CONTAINING FE' 'C34 H32 Fe N4 O4'
#
# COMPACT_ATOMS: atom_id res chain seq x y z
N MET A 1 -7.19 6.26 9.65
CA MET A 1 -6.35 5.10 9.36
C MET A 1 -6.47 4.05 10.45
N LYS A 2 -6.61 2.79 10.06
CA LYS A 2 -6.72 1.72 11.03
C LYS A 2 -5.38 1.44 11.69
N GLY A 3 -5.45 0.94 12.93
CA GLY A 3 -4.24 0.71 13.70
C GLY A 3 -3.36 -0.40 13.17
N ILE A 4 -3.92 -1.32 12.39
CA ILE A 4 -3.11 -2.40 11.81
C ILE A 4 -2.07 -1.81 10.87
N ILE A 5 -2.38 -0.70 10.21
CA ILE A 5 -1.41 -0.05 9.33
C ILE A 5 -0.27 0.54 10.16
N PHE A 6 -0.59 1.07 11.34
CA PHE A 6 0.46 1.63 12.20
C PHE A 6 1.34 0.54 12.80
N THR A 7 0.71 -0.52 13.33
CA THR A 7 1.48 -1.55 14.02
C THR A 7 2.40 -2.29 13.07
N GLU A 8 1.91 -2.65 11.89
CA GLU A 8 2.75 -3.34 10.91
C GLU A 8 3.87 -2.44 10.39
N PHE A 9 3.60 -1.13 10.29
CA PHE A 9 4.62 -0.20 9.80
C PHE A 9 5.76 -0.08 10.81
N LEU A 10 5.43 0.18 12.08
CA LEU A 10 6.47 0.31 13.09
C LEU A 10 7.20 -1.00 13.32
N ASP A 11 6.52 -2.13 13.11
CA ASP A 11 7.21 -3.42 13.13
C ASP A 11 8.27 -3.48 12.04
N LEU A 12 7.93 -2.99 10.84
CA LEU A 12 8.90 -2.98 9.75
C LEU A 12 10.03 -2.00 10.01
N VAL A 13 9.74 -0.87 10.65
CA VAL A 13 10.78 0.09 11.00
C VAL A 13 11.74 -0.53 12.01
N GLU A 14 11.20 -1.24 13.01
CA GLU A 14 12.05 -1.94 13.95
C GLU A 14 12.87 -3.03 13.26
N ASP A 15 12.25 -3.74 12.30
CA ASP A 15 12.95 -4.82 11.62
C ASP A 15 14.09 -4.30 10.76
N LYS A 16 13.90 -3.16 10.10
CA LYS A 16 14.87 -2.68 9.12
C LYS A 16 15.85 -1.67 9.68
N PHE A 17 15.40 -0.75 10.53
CA PHE A 17 16.25 0.35 10.99
C PHE A 17 16.57 0.30 12.49
N GLY A 18 15.89 -0.52 13.26
CA GLY A 18 16.23 -0.68 14.67
C GLY A 18 15.19 -0.06 15.59
N LEU A 19 15.20 -0.52 16.84
CA LEU A 19 14.23 -0.05 17.83
C LEU A 19 14.44 1.40 18.19
N GLU A 20 15.69 1.87 18.17
CA GLU A 20 15.97 3.26 18.50
C GLU A 20 15.37 4.21 17.47
N MET A 21 15.32 3.80 16.20
CA MET A 21 14.68 4.64 15.19
C MET A 21 13.17 4.71 15.41
N VAL A 22 12.56 3.61 15.86
CA VAL A 22 11.13 3.62 16.18
C VAL A 22 10.85 4.65 17.27
N ASP A 23 11.66 4.63 18.33
CA ASP A 23 11.52 5.62 19.40
C ASP A 23 11.82 7.03 18.89
N LYS A 24 12.74 7.16 17.94
CA LYS A 24 13.13 8.49 17.46
C LYS A 24 12.00 9.15 16.68
N ILE A 25 11.47 8.46 15.68
CA ILE A 25 10.41 9.06 14.86
C ILE A 25 9.14 9.29 15.69
N ILE A 26 8.94 8.48 16.73
CA ILE A 26 7.82 8.72 17.64
C ILE A 26 8.08 9.95 18.50
N THR A 27 9.31 10.11 18.98
CA THR A 27 9.65 11.27 19.79
C THR A 27 9.59 12.55 18.96
N GLN A 28 10.06 12.50 17.72
CA GLN A 28 9.97 13.66 16.82
C GLN A 28 8.56 14.00 16.40
N SER A 29 7.57 13.14 16.72
CA SER A 29 6.21 13.29 16.24
C SER A 29 5.25 13.51 17.39
N GLU A 30 4.25 14.37 17.16
CA GLU A 30 3.12 14.58 18.06
C GLU A 30 1.87 14.70 17.20
N LEU A 31 0.97 13.69 17.13
CA LEU A 31 0.83 12.35 17.78
C LEU A 31 -0.04 12.40 19.03
N GLU A 32 -1.36 12.44 18.80
CA GLU A 32 -2.33 12.33 19.88
C GLU A 32 -2.29 10.95 20.53
N SER A 33 -2.05 9.92 19.72
CA SER A 33 -1.90 8.56 20.25
C SER A 33 -0.64 8.43 21.11
N GLU A 34 0.33 9.31 20.93
CA GLU A 34 1.63 9.24 21.60
C GLU A 34 2.36 7.94 21.29
N GLY A 35 2.13 7.40 20.10
CA GLY A 35 2.86 6.24 19.61
C GLY A 35 2.33 4.89 20.02
N VAL A 36 1.17 4.82 20.67
CA VAL A 36 0.58 3.55 21.11
C VAL A 36 -0.64 3.27 20.24
N TYR A 37 -0.59 2.17 19.51
CA TYR A 37 -1.64 1.81 18.57
C TYR A 37 -2.14 0.39 18.84
N THR A 38 -3.43 0.18 18.57
CA THR A 38 -4.04 -1.13 18.59
C THR A 38 -4.59 -1.42 17.20
N SER A 39 -4.67 -2.71 16.87
CA SER A 39 -5.00 -3.13 15.50
C SER A 39 -6.37 -2.62 15.07
N ILE A 40 -7.33 -2.59 15.99
CA ILE A 40 -8.70 -2.22 15.64
C ILE A 40 -8.93 -0.74 15.95
N GLY A 41 -7.87 -0.03 16.32
CA GLY A 41 -7.99 1.39 16.56
C GLY A 41 -8.10 2.18 15.27
N THR A 42 -8.59 3.41 15.41
CA THR A 42 -8.73 4.33 14.30
C THR A 42 -8.02 5.62 14.65
N TYR A 43 -7.06 6.01 13.81
CA TYR A 43 -6.19 7.14 14.09
C TYR A 43 -6.08 8.04 12.87
N ARG A 44 -5.79 9.31 13.13
CA ARG A 44 -5.64 10.28 12.05
C ARG A 44 -4.43 9.94 11.19
N PHE A 45 -4.59 10.10 9.86
CA PHE A 45 -3.48 9.83 8.96
C PHE A 45 -2.33 10.81 9.17
N SER A 46 -2.62 12.00 9.71
CA SER A 46 -1.57 12.98 9.98
C SER A 46 -0.52 12.41 10.92
N GLU A 47 -0.90 11.45 11.76
CA GLU A 47 0.08 10.76 12.60
C GLU A 47 1.04 9.94 11.76
N MET A 48 0.51 9.17 10.81
CA MET A 48 1.35 8.36 9.94
C MET A 48 2.23 9.23 9.05
N LEU A 49 1.68 10.35 8.56
CA LEU A 49 2.48 11.25 7.73
C LEU A 49 3.68 11.80 8.50
N GLN A 50 3.48 12.11 9.79
CA GLN A 50 4.60 12.54 10.63
C GLN A 50 5.64 11.43 10.75
N LEU A 51 5.18 10.20 10.99
CA LEU A 51 6.10 9.08 11.12
C LEU A 51 6.89 8.85 9.85
N LEU A 52 6.24 9.00 8.68
CA LEU A 52 6.92 8.80 7.42
C LEU A 52 7.91 9.92 7.14
N GLN A 53 7.52 11.17 7.39
CA GLN A 53 8.40 12.30 7.10
C GLN A 53 9.63 12.27 8.01
N ASN A 54 9.45 11.90 9.27
CA ASN A 54 10.59 11.85 10.19
C ASN A 54 11.50 10.67 9.89
N LEU A 55 10.92 9.53 9.51
CA LEU A 55 11.72 8.38 9.11
C LEU A 55 12.53 8.68 7.85
N SER A 56 11.92 9.39 6.90
CA SER A 56 12.62 9.73 5.67
C SER A 56 13.79 10.67 5.94
N ALA A 57 13.59 11.66 6.82
CA ALA A 57 14.67 12.58 7.14
C ALA A 57 15.79 11.89 7.90
N ASN A 58 15.45 10.96 8.79
CA ASN A 58 16.46 10.30 9.60
C ASN A 58 17.25 9.28 8.80
N THR A 59 16.59 8.55 7.90
CA THR A 59 17.22 7.47 7.17
C THR A 59 17.73 7.89 5.79
N ASP A 60 17.34 9.07 5.31
CA ASP A 60 17.66 9.55 3.96
C ASP A 60 17.06 8.67 2.88
N VAL A 61 16.07 7.86 3.23
CA VAL A 61 15.30 7.08 2.25
C VAL A 61 14.01 7.85 1.96
N SER A 62 13.68 7.95 0.67
CA SER A 62 12.51 8.72 0.28
C SER A 62 11.23 8.09 0.82
N ILE A 63 10.21 8.92 1.00
CA ILE A 63 8.90 8.42 1.42
C ILE A 63 8.35 7.45 0.38
N ASP A 64 8.61 7.72 -0.90
CA ASP A 64 8.23 6.80 -1.97
C ASP A 64 8.75 5.40 -1.71
N ASP A 65 10.06 5.28 -1.49
CA ASP A 65 10.68 3.97 -1.32
C ASP A 65 10.26 3.32 -0.02
N LEU A 66 10.08 4.11 1.05
CA LEU A 66 9.61 3.55 2.31
C LEU A 66 8.21 2.97 2.17
N LEU A 67 7.31 3.69 1.49
CA LEU A 67 5.95 3.19 1.30
C LEU A 67 5.91 2.01 0.33
N LEU A 68 6.81 2.00 -0.67
CA LEU A 68 6.89 0.86 -1.57
C LEU A 68 7.27 -0.40 -0.80
N THR A 69 8.33 -0.32 0.00
CA THR A 69 8.75 -1.47 0.80
C THR A 69 7.66 -1.90 1.77
N TYR A 70 6.97 -0.93 2.39
CA TYR A 70 5.89 -1.28 3.30
C TYR A 70 4.72 -1.92 2.56
N GLY A 71 4.37 -1.39 1.39
CA GLY A 71 3.29 -1.97 0.62
C GLY A 71 3.56 -3.41 0.22
N GLU A 72 4.82 -3.71 -0.14
CA GLU A 72 5.18 -5.09 -0.44
C GLU A 72 5.09 -5.96 0.81
N HIS A 73 5.49 -5.42 1.97
CA HIS A 73 5.39 -6.19 3.20
C HIS A 73 3.94 -6.42 3.61
N PHE A 74 3.08 -5.44 3.36
CA PHE A 74 1.69 -5.57 3.78
C PHE A 74 0.93 -6.63 2.99
N PHE A 75 1.41 -6.97 1.79
CA PHE A 75 0.77 -8.05 1.04
C PHE A 75 0.88 -9.38 1.78
N SER A 76 2.02 -9.60 2.45
CA SER A 76 2.16 -10.81 3.27
C SER A 76 1.19 -10.82 4.44
N VAL A 77 0.88 -9.64 4.99
CA VAL A 77 -0.15 -9.56 6.02
C VAL A 77 -1.50 -9.95 5.43
N ILE A 78 -1.76 -9.56 4.18
CA ILE A 78 -2.98 -9.97 3.50
C ILE A 78 -2.97 -11.47 3.24
N GLU A 79 -1.81 -12.01 2.84
CA GLU A 79 -1.71 -13.43 2.53
C GLU A 79 -2.06 -14.28 3.75
N ASP A 80 -1.61 -13.88 4.93
CA ASP A 80 -1.77 -14.70 6.12
C ASP A 80 -3.06 -14.42 6.88
N SER A 81 -3.75 -13.33 6.58
CA SER A 81 -4.98 -12.99 7.30
C SER A 81 -6.24 -13.20 6.49
N TYR A 82 -6.17 -13.06 5.17
CA TYR A 82 -7.32 -13.26 4.29
C TYR A 82 -6.93 -14.11 3.09
N PRO A 83 -6.56 -15.38 3.29
CA PRO A 83 -6.22 -16.21 2.13
C PRO A 83 -7.42 -16.59 1.27
N GLY A 84 -8.60 -16.71 1.87
CA GLY A 84 -9.78 -17.03 1.08
C GLY A 84 -10.17 -15.92 0.12
N LEU A 85 -10.06 -14.66 0.57
CA LEU A 85 -10.32 -13.54 -0.33
C LEU A 85 -9.30 -13.49 -1.44
N LEU A 86 -8.04 -13.84 -1.14
CA LEU A 86 -7.00 -13.85 -2.17
C LEU A 86 -7.20 -15.02 -3.12
N ALA A 87 -7.61 -16.18 -2.60
CA ALA A 87 -7.84 -17.36 -3.43
C ALA A 87 -9.02 -17.18 -4.38
N THR A 88 -9.83 -16.14 -4.20
CA THR A 88 -10.92 -15.87 -5.13
C THR A 88 -10.40 -15.61 -6.54
N TYR A 89 -9.21 -15.02 -6.66
CA TYR A 89 -8.68 -14.60 -7.94
C TYR A 89 -7.61 -15.58 -8.44
N LYS A 90 -7.55 -15.70 -9.76
CA LYS A 90 -6.55 -16.53 -10.43
C LYS A 90 -5.65 -15.74 -11.37
N ASP A 91 -5.90 -14.43 -11.52
CA ASP A 91 -5.18 -13.60 -12.46
C ASP A 91 -4.87 -12.27 -11.78
N PRO A 92 -3.64 -11.76 -11.91
CA PRO A 92 -3.30 -10.51 -11.22
C PRO A 92 -4.01 -9.29 -11.79
N ILE A 93 -4.26 -9.25 -13.10
CA ILE A 93 -4.95 -8.11 -13.69
C ILE A 93 -6.40 -8.08 -13.23
N GLU A 94 -7.06 -9.23 -13.18
CA GLU A 94 -8.46 -9.28 -12.74
C GLU A 94 -8.59 -8.86 -11.28
N MET A 95 -7.63 -9.25 -10.44
CA MET A 95 -7.69 -8.88 -9.03
C MET A 95 -7.51 -7.38 -8.84
N LEU A 96 -6.55 -6.78 -9.56
CA LEU A 96 -6.33 -5.35 -9.43
C LEU A 96 -7.51 -4.55 -9.98
N ALA A 97 -8.17 -5.05 -11.01
CA ALA A 97 -9.39 -4.40 -11.50
C ALA A 97 -10.59 -4.64 -10.59
N SER A 98 -10.42 -5.42 -9.52
CA SER A 98 -11.49 -5.73 -8.59
C SER A 98 -11.27 -5.12 -7.21
N ILE A 99 -10.28 -4.23 -7.07
CA ILE A 99 -10.03 -3.60 -5.78
C ILE A 99 -11.21 -2.73 -5.36
N GLU A 100 -11.71 -1.93 -6.29
CA GLU A 100 -12.74 -0.95 -5.94
C GLU A 100 -14.08 -1.61 -5.66
N ASN A 101 -14.52 -2.52 -6.53
CA ASN A 101 -15.87 -3.05 -6.45
C ASN A 101 -15.97 -4.38 -5.73
N HIS A 102 -14.88 -4.92 -5.21
CA HIS A 102 -14.96 -6.15 -4.42
C HIS A 102 -14.05 -6.11 -3.21
N ILE A 103 -12.73 -6.01 -3.43
CA ILE A 103 -11.77 -6.16 -2.34
C ILE A 103 -12.01 -5.12 -1.26
N HIS A 104 -11.96 -3.83 -1.63
CA HIS A 104 -12.16 -2.78 -0.65
C HIS A 104 -13.60 -2.65 -0.19
N VAL A 105 -14.55 -3.27 -0.91
CA VAL A 105 -15.90 -3.40 -0.38
C VAL A 105 -15.91 -4.35 0.82
N GLU A 106 -15.17 -5.45 0.72
CA GLU A 106 -15.07 -6.38 1.84
C GLU A 106 -14.31 -5.75 3.01
N VAL A 107 -13.32 -4.90 2.71
CA VAL A 107 -12.55 -4.25 3.77
C VAL A 107 -13.45 -3.34 4.58
N ARG A 108 -14.39 -2.64 3.93
CA ARG A 108 -15.30 -1.77 4.66
C ARG A 108 -16.21 -2.57 5.59
N LYS A 109 -16.47 -3.83 5.27
CA LYS A 109 -17.20 -4.70 6.18
C LYS A 109 -16.33 -5.10 7.37
N ILE A 110 -15.05 -5.39 7.11
CA ILE A 110 -14.11 -5.66 8.21
C ILE A 110 -14.02 -4.44 9.12
N TYR A 111 -13.59 -3.32 8.55
CA TYR A 111 -13.41 -2.07 9.30
C TYR A 111 -14.41 -1.05 8.76
N PRO A 112 -15.56 -0.87 9.41
CA PRO A 112 -16.51 0.15 8.95
C PRO A 112 -15.95 1.55 8.99
N ASP A 113 -14.96 1.81 9.84
CA ASP A 113 -14.30 3.10 9.90
C ASP A 113 -13.11 3.21 8.95
N ALA A 114 -12.98 2.29 8.00
CA ALA A 114 -11.85 2.31 7.09
C ALA A 114 -11.88 3.55 6.22
N GLU A 115 -10.70 4.10 5.94
CA GLU A 115 -10.53 5.24 5.04
C GLU A 115 -9.68 4.75 3.88
N LEU A 116 -10.34 4.49 2.74
CA LEU A 116 -9.74 3.79 1.62
C LEU A 116 -9.65 4.70 0.40
N PRO A 117 -8.71 4.43 -0.50
CA PRO A 117 -8.63 5.20 -1.74
C PRO A 117 -9.69 4.73 -2.73
N THR A 118 -9.73 5.40 -3.88
CA THR A 118 -10.58 5.00 -4.98
C THR A 118 -9.73 4.60 -6.17
N PHE A 119 -10.12 3.50 -6.83
CA PHE A 119 -9.49 3.05 -8.06
C PHE A 119 -10.56 2.99 -9.15
N VAL A 120 -10.32 3.67 -10.26
CA VAL A 120 -11.26 3.70 -11.38
C VAL A 120 -10.56 3.14 -12.61
N VAL A 121 -11.11 2.05 -13.15
CA VAL A 121 -10.55 1.44 -14.35
C VAL A 121 -10.95 2.27 -15.55
N GLU A 122 -9.97 2.63 -16.39
CA GLU A 122 -10.24 3.30 -17.65
C GLU A 122 -10.01 2.40 -18.86
N GLU A 123 -9.04 1.50 -18.79
CA GLU A 123 -8.79 0.53 -19.85
C GLU A 123 -8.39 -0.80 -19.21
N LYS A 124 -8.73 -1.89 -19.88
CA LYS A 124 -8.42 -3.22 -19.34
C LYS A 124 -8.39 -4.24 -20.47
N THR A 125 -7.29 -4.97 -20.57
CA THR A 125 -7.20 -6.17 -21.38
C THR A 125 -6.77 -7.33 -20.48
N ALA A 126 -6.47 -8.47 -21.10
CA ALA A 126 -6.05 -9.63 -20.32
C ALA A 126 -4.69 -9.40 -19.65
N ASN A 127 -3.84 -8.59 -20.27
CA ASN A 127 -2.49 -8.36 -19.75
C ASN A 127 -2.17 -6.89 -19.56
N SER A 128 -3.18 -6.01 -19.59
CA SER A 128 -2.97 -4.58 -19.39
C SER A 128 -4.09 -4.03 -18.53
N LEU A 129 -3.79 -2.94 -17.82
CA LEU A 129 -4.76 -2.31 -16.94
C LEU A 129 -4.33 -0.88 -16.66
N THR A 130 -5.21 0.08 -16.91
CA THR A 130 -4.97 1.48 -16.60
C THR A 130 -6.03 1.93 -15.60
N MET A 131 -5.58 2.39 -14.44
CA MET A 131 -6.47 2.80 -13.37
C MET A 131 -6.07 4.17 -12.85
N ILE A 132 -7.06 4.91 -12.35
CA ILE A 132 -6.84 6.20 -11.73
C ILE A 132 -6.93 6.02 -10.22
N TYR A 133 -5.86 6.35 -9.51
CA TYR A 133 -5.82 6.29 -8.06
C TYR A 133 -6.08 7.68 -7.50
N LYS A 134 -7.01 7.77 -6.55
CA LYS A 134 -7.35 9.05 -5.92
C LYS A 134 -7.41 8.85 -4.41
N SER A 135 -6.64 9.65 -3.68
CA SER A 135 -6.64 9.63 -2.23
C SER A 135 -5.90 10.85 -1.68
N SER A 136 -6.51 11.54 -0.71
CA SER A 136 -5.85 12.68 -0.10
C SER A 136 -4.56 12.31 0.62
N ARG A 137 -4.37 11.02 0.92
CA ARG A 137 -3.20 10.56 1.65
C ARG A 137 -1.99 10.29 0.74
N ALA A 138 -2.19 10.27 -0.58
CA ALA A 138 -1.09 10.19 -1.55
C ALA A 138 -0.18 8.99 -1.27
N MET A 139 -0.80 7.83 -1.02
CA MET A 139 -0.06 6.60 -0.75
C MET A 139 0.03 5.72 -2.00
N HIS A 140 0.33 6.33 -3.14
CA HIS A 140 0.37 5.60 -4.40
C HIS A 140 1.43 4.51 -4.38
N HIS A 141 2.58 4.77 -3.74
CA HIS A 141 3.63 3.77 -3.69
C HIS A 141 3.33 2.65 -2.72
N PHE A 142 2.49 2.89 -1.71
CA PHE A 142 1.96 1.79 -0.91
C PHE A 142 1.14 0.84 -1.78
N GLY A 143 0.28 1.39 -2.63
CA GLY A 143 -0.46 0.57 -3.56
C GLY A 143 0.43 -0.06 -4.61
N LEU A 144 1.49 0.64 -5.04
CA LEU A 144 2.41 0.06 -6.01
C LEU A 144 3.10 -1.18 -5.44
N GLY A 145 3.49 -1.12 -4.16
CA GLY A 145 4.09 -2.30 -3.55
C GLY A 145 3.13 -3.46 -3.45
N LEU A 146 1.86 -3.17 -3.17
CA LEU A 146 0.85 -4.23 -3.15
C LEU A 146 0.62 -4.79 -4.56
N MET A 147 0.69 -3.93 -5.58
CA MET A 147 0.56 -4.41 -6.95
C MET A 147 1.74 -5.27 -7.35
N ASN A 148 2.95 -4.88 -6.95
CA ASN A 148 4.13 -5.68 -7.24
C ASN A 148 3.98 -7.10 -6.73
N LYS A 149 3.53 -7.25 -5.47
CA LYS A 149 3.39 -8.55 -4.86
C LYS A 149 2.15 -9.29 -5.35
N THR A 150 1.16 -8.58 -5.90
CA THR A 150 0.03 -9.26 -6.53
C THR A 150 0.49 -10.05 -7.74
N PHE A 151 1.34 -9.45 -8.57
CA PHE A 151 1.88 -10.16 -9.73
C PHE A 151 2.83 -11.28 -9.29
N GLU A 152 3.61 -11.04 -8.25
CA GLU A 152 4.51 -12.07 -7.74
C GLU A 152 3.73 -13.25 -7.18
N HIS A 153 2.58 -12.97 -6.56
CA HIS A 153 1.76 -14.05 -5.99
C HIS A 153 1.28 -15.00 -7.09
N PHE A 154 0.98 -14.48 -8.27
CA PHE A 154 0.53 -15.28 -9.40
C PHE A 154 1.68 -15.70 -10.31
N ASN A 155 2.91 -15.69 -9.81
CA ASN A 155 4.09 -16.08 -10.57
C ASN A 155 4.21 -15.28 -11.87
N SER A 156 4.02 -13.96 -11.74
CA SER A 156 4.06 -13.06 -12.88
C SER A 156 4.79 -11.78 -12.47
N SER A 157 4.93 -10.87 -13.42
CA SER A 157 5.55 -9.58 -13.16
C SER A 157 4.97 -8.56 -14.14
N ALA A 158 5.11 -7.28 -13.81
CA ALA A 158 4.51 -6.25 -14.62
C ALA A 158 5.34 -4.97 -14.57
N GLU A 159 5.33 -4.25 -15.69
CA GLU A 159 5.81 -2.87 -15.71
C GLU A 159 4.66 -1.96 -15.30
N ILE A 160 4.87 -1.18 -14.24
CA ILE A 160 3.84 -0.30 -13.70
C ILE A 160 4.37 1.12 -13.72
N ILE A 161 3.75 1.97 -14.53
CA ILE A 161 4.15 3.36 -14.69
C ILE A 161 3.16 4.24 -13.95
N LEU A 162 3.67 5.17 -13.15
CA LEU A 162 2.84 6.08 -12.36
C LEU A 162 2.96 7.49 -12.95
N GLU A 163 1.82 8.10 -13.24
CA GLU A 163 1.74 9.46 -13.74
C GLU A 163 0.94 10.28 -12.75
N LYS A 164 1.62 11.23 -12.09
CA LYS A 164 0.96 12.10 -11.11
C LYS A 164 0.14 13.15 -11.85
N ILE A 165 -1.19 13.00 -11.82
CA ILE A 165 -2.04 14.02 -12.40
C ILE A 165 -2.05 15.28 -11.54
N LYS A 166 -2.15 15.10 -10.22
CA LYS A 166 -1.89 16.17 -9.27
C LYS A 166 -0.50 15.98 -8.69
N GLU A 167 0.26 17.09 -8.58
CA GLU A 167 1.66 17.00 -8.22
C GLU A 167 1.86 16.43 -6.82
N ASP A 168 0.89 16.62 -5.93
CA ASP A 168 1.00 16.12 -4.56
C ASP A 168 0.70 14.63 -4.43
N GLY A 169 0.50 13.92 -5.54
CA GLY A 169 0.27 12.49 -5.50
C GLY A 169 -1.12 12.06 -5.08
N THR A 170 -2.08 12.98 -5.01
CA THR A 170 -3.44 12.64 -4.62
C THR A 170 -4.28 12.15 -5.79
N GLU A 171 -3.78 12.26 -7.02
CA GLU A 171 -4.42 11.66 -8.19
C GLU A 171 -3.30 11.13 -9.08
N VAL A 172 -3.24 9.80 -9.23
CA VAL A 172 -2.15 9.14 -9.94
C VAL A 172 -2.74 8.14 -10.92
N LYS A 173 -2.29 8.20 -12.17
CA LYS A 173 -2.69 7.23 -13.19
C LYS A 173 -1.71 6.07 -13.17
N PHE A 174 -2.22 4.86 -12.94
CA PHE A 174 -1.42 3.64 -12.96
C PHE A 174 -1.55 2.99 -14.34
N ILE A 175 -0.44 2.81 -15.02
CA ILE A 175 -0.40 2.12 -16.30
C ILE A 175 0.30 0.79 -16.07
N ILE A 176 -0.46 -0.30 -16.01
CA ILE A 176 0.03 -1.62 -15.66
C ILE A 176 0.06 -2.47 -16.91
N ASN A 177 1.22 -3.05 -17.21
CA ASN A 177 1.40 -3.92 -18.37
C ASN A 177 2.15 -5.17 -17.93
N LYS A 178 1.49 -6.32 -18.00
CA LYS A 178 2.15 -7.57 -17.65
C LYS A 178 3.31 -7.81 -18.61
N ASN A 179 4.45 -8.22 -18.04
CA ASN A 179 5.69 -8.22 -18.77
C ASN A 179 5.73 -9.30 -19.84
N GLU A 180 6.59 -9.09 -20.83
CA GLU A 180 6.95 -10.13 -21.78
C GLU A 180 7.39 -11.38 -21.03
N ASN A 181 6.71 -12.49 -21.28
CA ASN A 181 7.11 -13.77 -20.70
C ASN A 181 8.35 -14.23 -21.47
N LEU A 182 9.52 -14.07 -20.86
CA LEU A 182 10.77 -14.52 -21.47
C LEU A 182 10.91 -16.01 -21.18
N TYR A 183 10.18 -16.80 -21.96
CA TYR A 183 10.12 -18.24 -21.75
C TYR A 183 11.45 -18.93 -22.04
N PHE A 184 12.29 -18.35 -22.90
CA PHE A 184 13.59 -18.91 -23.24
C PHE A 184 14.73 -18.26 -22.46
N GLN A 185 14.43 -17.64 -21.33
CA GLN A 185 15.44 -16.99 -20.50
C GLN A 185 16.19 -18.02 -19.65
CHA HEM B . -5.62 1.11 2.70
CHB HEM B . -7.19 -4.05 3.44
CHC HEM B . -5.77 -5.24 -1.76
CHD HEM B . -3.97 -0.14 -2.43
C1A HEM B . -6.13 -0.49 3.03
C2A HEM B . -6.31 -0.60 4.43
C3A HEM B . -6.70 -1.87 4.61
C4A HEM B . -6.72 -2.42 3.31
CMA HEM B . -7.06 -2.57 5.92
CAA HEM B . -6.13 0.48 5.50
CBA HEM B . -7.47 1.21 5.66
CGA HEM B . -7.43 2.21 6.80
O1A HEM B . -8.49 2.76 7.20
O2A HEM B . -6.33 2.50 7.35
C1B HEM B . -6.80 -4.66 1.96
C2B HEM B . -6.80 -6.20 1.77
C3B HEM B . -6.43 -6.44 0.42
C4B HEM B . -6.23 -5.07 -0.17
CMB HEM B . -7.15 -7.25 2.84
CAB HEM B . -6.29 -7.77 -0.31
CBB HEM B . -7.29 -8.62 -0.37
C1C HEM B . -5.13 -3.69 -2.11
C2C HEM B . -4.35 -3.73 -3.28
C3C HEM B . -3.91 -2.48 -3.44
C4C HEM B . -4.45 -1.77 -2.36
CMC HEM B . -4.07 -4.94 -4.18
CAC HEM B . -3.02 -1.93 -4.55
CBC HEM B . -3.55 -1.23 -5.53
C1D HEM B . -4.37 0.42 -0.89
C2D HEM B . -3.69 1.74 -0.65
C3D HEM B . -4.08 2.12 0.66
C4D HEM B . -4.98 0.98 1.18
CMD HEM B . -2.80 2.53 -1.61
CAD HEM B . -3.67 3.40 1.40
CBD HEM B . -4.90 4.26 1.70
CGD HEM B . -5.03 5.34 0.63
O1D HEM B . -4.34 5.24 -0.43
O2D HEM B . -5.82 6.30 0.79
NA HEM B . -6.30 -1.62 2.23
NB HEM B . -6.36 -3.88 0.71
NC HEM B . -5.20 -2.48 -1.41
ND HEM B . -5.14 -0.21 0.22
FE HEM B . -6.23 -1.91 0.23
#